data_3JXB
#
_entry.id   3JXB
#
_cell.length_a   40.602
_cell.length_b   54.319
_cell.length_c   114.112
_cell.angle_alpha   90.000
_cell.angle_beta   90.000
_cell.angle_gamma   90.000
#
_symmetry.space_group_name_H-M   'P 21 21 21'
#
loop_
_entity.id
_entity.type
_entity.pdbx_description
1 polymer "5'-D(*CP*AP*TP*TP*TP*AP*AP*GP*AP*CP*GP*TP*CP*TP*TP*AP*AP*AP*TP*A)-3'"
2 polymer "5'-D(*TP*AP*TP*TP*TP*AP*AP*GP*AP*CP*GP*TP*CP*TP*TP*AP*AP*AP*TP*G)-3'"
3 polymer 'Repressor protein C2'
4 water water
#
loop_
_entity_poly.entity_id
_entity_poly.type
_entity_poly.pdbx_seq_one_letter_code
_entity_poly.pdbx_strand_id
1 'polydeoxyribonucleotide' (DC)(DA)(DT)(DT)(DT)(DA)(DA)(DG)(DA)(DC)(DG)(DT)(DC)(DT)(DT)(DA)(DA)(DA)(DT)(DA) A
2 'polydeoxyribonucleotide' (DT)(DA)(DT)(DT)(DT)(DA)(DA)(DG)(DA)(DC)(DG)(DT)(DC)(DT)(DT)(DA)(DA)(DA)(DT)(DG) B
3 'polypeptide(L)' NTQLMGERIRARRKKLKIRQAALGKMVGVSNVAISQWERSETEPNGENLLALSKALQCSPDYLLKGD C,D
#
# COMPACT_ATOMS: atom_id res chain seq x y z
N ASN C 1 6.92 16.16 2.52
CA ASN C 1 5.98 16.75 3.52
C ASN C 1 4.56 16.99 2.99
N THR C 2 4.31 18.11 2.32
CA THR C 2 2.93 18.51 2.01
C THR C 2 2.60 18.50 0.51
N GLN C 3 3.55 17.98 -0.25
CA GLN C 3 3.42 17.78 -1.67
C GLN C 3 2.48 16.62 -1.90
N LEU C 4 2.25 16.29 -3.16
CA LEU C 4 1.49 15.11 -3.46
C LEU C 4 2.43 13.89 -3.49
N MET C 5 1.85 12.71 -3.24
CA MET C 5 2.61 11.47 -3.34
C MET C 5 3.37 11.43 -4.66
N GLY C 6 2.69 11.81 -5.74
CA GLY C 6 3.29 11.74 -7.08
C GLY C 6 4.57 12.53 -7.20
N GLU C 7 4.59 13.69 -6.54
CA GLU C 7 5.77 14.56 -6.52
C GLU C 7 6.93 13.90 -5.77
N ARG C 8 6.62 13.19 -4.69
CA ARG C 8 7.64 12.48 -3.91
C ARG C 8 8.18 11.30 -4.67
N ILE C 9 7.31 10.58 -5.39
CA ILE C 9 7.74 9.46 -6.21
C ILE C 9 8.69 9.95 -7.30
N ARG C 10 8.29 11.01 -8.01
CA ARG C 10 9.11 11.48 -9.12
C ARG C 10 10.46 11.98 -8.60
N ALA C 11 10.47 12.70 -7.48
CA ALA C 11 11.70 13.28 -6.93
C ALA C 11 12.68 12.17 -6.58
N ARG C 12 12.16 11.07 -6.02
N ARG C 12 12.15 11.08 -6.00
CA ARG C 12 13.05 9.99 -5.58
CA ARG C 12 12.98 9.95 -5.60
C ARG C 12 13.51 9.14 -6.77
C ARG C 12 13.52 9.21 -6.81
N ARG C 13 12.63 8.95 -7.77
CA ARG C 13 13.02 8.27 -9.00
C ARG C 13 14.15 9.03 -9.69
N LYS C 14 13.98 10.34 -9.80
CA LYS C 14 14.96 11.16 -10.49
C LYS C 14 16.29 11.21 -9.73
N LYS C 15 16.21 11.22 -8.40
CA LYS C 15 17.42 11.26 -7.57
C LYS C 15 18.24 9.97 -7.80
N LEU C 16 17.53 8.85 -7.95
CA LEU C 16 18.14 7.55 -8.18
C LEU C 16 18.54 7.37 -9.66
N LYS C 17 18.14 8.32 -10.51
CA LYS C 17 18.49 8.33 -11.95
C LYS C 17 17.90 7.11 -12.67
N ILE C 18 16.67 6.77 -12.31
CA ILE C 18 15.94 5.65 -12.90
C ILE C 18 14.89 6.25 -13.85
N ARG C 19 14.75 5.65 -15.03
CA ARG C 19 13.65 6.07 -15.95
C ARG C 19 12.34 5.42 -15.53
N GLN C 20 11.22 5.96 -16.00
CA GLN C 20 9.90 5.44 -15.61
C GLN C 20 9.80 3.98 -16.00
N ALA C 21 10.21 3.65 -17.22
CA ALA C 21 10.07 2.31 -17.73
C ALA C 21 10.88 1.33 -16.90
N ALA C 22 12.09 1.73 -16.54
CA ALA C 22 12.95 0.90 -15.70
C ALA C 22 12.34 0.68 -14.32
N LEU C 23 11.76 1.75 -13.76
CA LEU C 23 11.10 1.67 -12.46
C LEU C 23 9.89 0.74 -12.54
N GLY C 24 9.13 0.85 -13.63
CA GLY C 24 8.01 -0.05 -13.90
C GLY C 24 8.42 -1.51 -13.84
N LYS C 25 9.52 -1.84 -14.55
CA LYS C 25 10.07 -3.19 -14.51
C LYS C 25 10.41 -3.70 -13.12
N MET C 26 11.00 -2.82 -12.31
CA MET C 26 11.40 -3.15 -10.94
C MET C 26 10.19 -3.42 -10.05
N VAL C 27 9.10 -2.71 -10.34
CA VAL C 27 7.92 -2.72 -9.49
C VAL C 27 6.93 -3.79 -9.96
N GLY C 28 6.93 -4.06 -11.26
CA GLY C 28 6.02 -5.02 -11.83
C GLY C 28 4.81 -4.39 -12.48
N VAL C 29 4.99 -3.17 -12.99
CA VAL C 29 3.93 -2.43 -13.69
C VAL C 29 4.49 -1.77 -14.97
N SER C 30 3.60 -1.25 -15.80
CA SER C 30 4.01 -0.57 -17.01
C SER C 30 4.63 0.79 -16.69
N ASN C 31 5.41 1.32 -17.64
CA ASN C 31 5.86 2.71 -17.54
C ASN C 31 4.72 3.71 -17.39
N VAL C 32 3.56 3.38 -17.98
CA VAL C 32 2.41 4.28 -17.96
C VAL C 32 1.90 4.41 -16.53
N ALA C 33 1.87 3.30 -15.82
CA ALA C 33 1.45 3.30 -14.42
C ALA C 33 2.33 4.23 -13.60
N ILE C 34 3.65 4.13 -13.81
CA ILE C 34 4.58 5.04 -13.12
C ILE C 34 4.24 6.50 -13.42
N SER C 35 4.01 6.80 -14.71
CA SER C 35 3.62 8.16 -15.13
C SER C 35 2.33 8.62 -14.44
N GLN C 36 1.32 7.73 -14.42
CA GLN C 36 0.05 8.04 -13.74
C GLN C 36 0.26 8.36 -12.26
N TRP C 37 1.07 7.54 -11.59
CA TRP C 37 1.37 7.81 -10.17
C TRP C 37 2.04 9.18 -9.99
N GLU C 38 3.02 9.48 -10.85
CA GLU C 38 3.83 10.68 -10.66
C GLU C 38 3.00 11.93 -10.91
N ARG C 39 2.05 11.82 -11.83
CA ARG C 39 1.17 12.94 -12.16
C ARG C 39 -0.09 12.97 -11.30
N SER C 40 -0.13 12.10 -10.29
CA SER C 40 -1.27 11.99 -9.38
C SER C 40 -2.60 11.68 -10.08
N GLU C 41 -2.51 11.02 -11.23
CA GLU C 41 -3.70 10.54 -11.92
C GLU C 41 -4.36 9.40 -11.15
N THR C 42 -3.51 8.57 -10.57
CA THR C 42 -3.94 7.41 -9.76
C THR C 42 -2.90 7.24 -8.66
N GLU C 43 -3.18 6.38 -7.69
CA GLU C 43 -2.21 6.00 -6.67
C GLU C 43 -2.01 4.49 -6.74
N PRO C 44 -0.79 4.01 -6.41
CA PRO C 44 -0.56 2.57 -6.46
C PRO C 44 -1.43 1.77 -5.49
N ASN C 45 -1.84 0.58 -5.94
CA ASN C 45 -2.60 -0.30 -5.06
C ASN C 45 -1.68 -0.85 -3.93
N GLY C 46 -2.20 -1.72 -3.07
CA GLY C 46 -1.40 -2.21 -1.94
C GLY C 46 -0.09 -2.87 -2.32
N GLU C 47 -0.20 -3.90 -3.18
CA GLU C 47 0.97 -4.66 -3.63
C GLU C 47 1.96 -3.71 -4.31
N ASN C 48 1.44 -2.83 -5.17
CA ASN C 48 2.36 -1.97 -5.92
C ASN C 48 3.01 -0.89 -5.09
N LEU C 49 2.31 -0.38 -4.09
CA LEU C 49 2.88 0.62 -3.23
C LEU C 49 4.09 0.01 -2.50
N LEU C 50 3.95 -1.22 -2.01
CA LEU C 50 5.05 -1.82 -1.27
CA LEU C 50 5.05 -1.85 -1.27
C LEU C 50 6.22 -2.13 -2.21
N ALA C 51 5.90 -2.56 -3.43
CA ALA C 51 6.96 -2.86 -4.41
C ALA C 51 7.66 -1.56 -4.78
N LEU C 52 6.88 -0.50 -4.99
CA LEU C 52 7.46 0.82 -5.30
C LEU C 52 8.36 1.33 -4.21
N SER C 53 7.92 1.17 -2.96
CA SER C 53 8.69 1.63 -1.81
CA SER C 53 8.68 1.62 -1.81
C SER C 53 10.04 0.92 -1.73
N LYS C 54 10.05 -0.37 -2.01
CA LYS C 54 11.30 -1.13 -2.00
C LYS C 54 12.23 -0.72 -3.13
N ALA C 55 11.65 -0.47 -4.31
CA ALA C 55 12.44 -0.05 -5.47
C ALA C 55 13.08 1.30 -5.23
N LEU C 56 12.38 2.18 -4.52
CA LEU C 56 12.89 3.53 -4.23
C LEU C 56 13.63 3.65 -2.88
N GLN C 57 13.72 2.54 -2.14
CA GLN C 57 14.28 2.54 -0.78
C GLN C 57 13.76 3.65 0.13
N CYS C 58 12.43 3.75 0.16
CA CYS C 58 11.82 4.60 1.18
CA CYS C 58 11.67 4.69 1.01
C CYS C 58 10.65 3.88 1.79
N SER C 59 10.15 4.43 2.89
CA SER C 59 9.02 3.78 3.52
C SER C 59 7.78 4.09 2.70
N PRO C 60 6.84 3.15 2.69
CA PRO C 60 5.55 3.45 2.06
C PRO C 60 4.88 4.67 2.70
N ASP C 61 5.08 4.88 4.00
CA ASP C 61 4.44 6.04 4.64
C ASP C 61 5.04 7.36 4.15
N TYR C 62 6.35 7.37 3.89
CA TYR C 62 6.94 8.56 3.28
C TYR C 62 6.31 8.89 1.92
N LEU C 63 6.22 7.90 1.04
CA LEU C 63 5.60 8.15 -0.25
C LEU C 63 4.16 8.59 -0.11
N LEU C 64 3.37 7.84 0.66
CA LEU C 64 1.95 8.16 0.77
C LEU C 64 1.65 9.54 1.38
N LYS C 65 2.31 9.84 2.51
CA LYS C 65 1.91 10.98 3.32
C LYS C 65 3.00 12.02 3.55
N GLY C 66 4.24 11.68 3.19
CA GLY C 66 5.39 12.56 3.41
C GLY C 66 5.88 12.54 4.85
N ASP C 67 5.44 11.56 5.62
CA ASP C 67 5.83 11.47 7.03
C ASP C 67 6.52 10.14 7.36
N GLN D 3 -1.75 -19.55 1.60
CA GLN D 3 -2.68 -18.76 2.47
C GLN D 3 -2.86 -17.36 1.91
N LEU D 4 -4.11 -16.95 1.70
CA LEU D 4 -4.41 -15.66 1.10
C LEU D 4 -4.27 -14.55 2.12
N MET D 5 -4.00 -13.33 1.64
CA MET D 5 -3.93 -12.17 2.51
C MET D 5 -5.20 -12.06 3.36
N GLY D 6 -6.36 -12.27 2.73
CA GLY D 6 -7.63 -12.15 3.43
C GLY D 6 -7.70 -13.01 4.67
N GLU D 7 -7.10 -14.21 4.59
CA GLU D 7 -7.08 -15.13 5.72
C GLU D 7 -6.24 -14.57 6.88
N ARG D 8 -5.12 -13.92 6.53
CA ARG D 8 -4.29 -13.25 7.53
C ARG D 8 -5.02 -12.07 8.17
N ILE D 9 -5.76 -11.29 7.37
CA ILE D 9 -6.52 -10.15 7.89
C ILE D 9 -7.54 -10.65 8.91
N ARG D 10 -8.33 -11.64 8.51
CA ARG D 10 -9.31 -12.21 9.43
C ARG D 10 -8.67 -12.78 10.72
N ALA D 11 -7.57 -13.53 10.59
CA ALA D 11 -6.89 -14.09 11.76
C ALA D 11 -6.41 -13.01 12.73
N ARG D 12 -5.86 -11.92 12.18
CA ARG D 12 -5.37 -10.83 13.01
C ARG D 12 -6.53 -10.09 13.65
N ARG D 13 -7.62 -9.87 12.89
CA ARG D 13 -8.81 -9.25 13.48
C ARG D 13 -9.39 -10.07 14.65
N LYS D 14 -9.46 -11.37 14.46
CA LYS D 14 -9.94 -12.29 15.50
C LYS D 14 -9.03 -12.30 16.74
N LYS D 15 -7.71 -12.17 16.53
CA LYS D 15 -6.77 -12.05 17.64
C LYS D 15 -7.03 -10.78 18.46
N LEU D 16 -7.36 -9.70 17.76
CA LEU D 16 -7.72 -8.43 18.42
C LEU D 16 -9.11 -8.45 19.05
N LYS D 17 -9.92 -9.47 18.73
CA LYS D 17 -11.26 -9.65 19.31
C LYS D 17 -12.23 -8.54 18.91
N ILE D 18 -12.12 -8.06 17.68
CA ILE D 18 -13.01 -7.00 17.20
C ILE D 18 -13.84 -7.39 15.99
N ARG D 19 -14.99 -6.74 15.85
CA ARG D 19 -15.91 -6.91 14.72
C ARG D 19 -15.40 -6.20 13.47
N GLN D 20 -15.90 -6.63 12.32
CA GLN D 20 -15.51 -5.99 11.07
C GLN D 20 -15.77 -4.50 11.06
N ALA D 21 -16.93 -4.07 11.56
CA ALA D 21 -17.26 -2.64 11.55
C ALA D 21 -16.26 -1.83 12.35
N ALA D 22 -15.82 -2.39 13.49
CA ALA D 22 -14.86 -1.75 14.39
C ALA D 22 -13.52 -1.62 13.67
N LEU D 23 -13.11 -2.67 12.96
CA LEU D 23 -11.86 -2.58 12.19
C LEU D 23 -12.01 -1.55 11.09
N GLY D 24 -13.16 -1.55 10.42
CA GLY D 24 -13.46 -0.57 9.37
C GLY D 24 -13.28 0.86 9.87
N LYS D 25 -13.88 1.15 11.02
CA LYS D 25 -13.79 2.50 11.60
C LYS D 25 -12.32 2.89 11.83
N MET D 26 -11.55 1.95 12.38
CA MET D 26 -10.13 2.18 12.62
C MET D 26 -9.37 2.52 11.35
N VAL D 27 -9.65 1.76 10.29
CA VAL D 27 -8.95 1.89 9.01
C VAL D 27 -9.46 3.08 8.18
N GLY D 28 -10.72 3.45 8.36
CA GLY D 28 -11.34 4.48 7.54
C GLY D 28 -12.07 3.94 6.32
N VAL D 29 -12.61 2.73 6.44
CA VAL D 29 -13.41 2.11 5.37
C VAL D 29 -14.69 1.50 5.95
N SER D 30 -15.60 1.06 5.10
CA SER D 30 -16.82 0.42 5.57
C SER D 30 -16.54 -0.98 6.15
N ASN D 31 -17.50 -1.49 6.92
CA ASN D 31 -17.46 -2.90 7.31
C ASN D 31 -17.41 -3.84 6.09
N VAL D 32 -18.11 -3.46 5.03
CA VAL D 32 -18.19 -4.28 3.82
C VAL D 32 -16.80 -4.40 3.17
N ALA D 33 -16.06 -3.29 3.14
CA ALA D 33 -14.68 -3.36 2.68
C ALA D 33 -13.86 -4.41 3.43
N ILE D 34 -14.00 -4.42 4.75
CA ILE D 34 -13.27 -5.41 5.56
C ILE D 34 -13.67 -6.82 5.12
N SER D 35 -14.97 -7.05 4.94
CA SER D 35 -15.49 -8.34 4.48
C SER D 35 -14.89 -8.73 3.13
N GLN D 36 -14.88 -7.79 2.18
CA GLN D 36 -14.37 -8.03 0.84
C GLN D 36 -12.89 -8.41 0.93
N TRP D 37 -12.12 -7.71 1.76
CA TRP D 37 -10.70 -8.06 1.89
C TRP D 37 -10.53 -9.47 2.50
N GLU D 38 -11.28 -9.74 3.58
CA GLU D 38 -11.10 -11.01 4.29
C GLU D 38 -11.43 -12.21 3.41
N ARG D 39 -12.42 -12.04 2.55
CA ARG D 39 -12.89 -13.08 1.64
C ARG D 39 -12.13 -13.11 0.31
N SER D 40 -11.16 -12.21 0.16
CA SER D 40 -10.34 -12.08 -1.05
C SER D 40 -11.16 -11.66 -2.29
N GLU D 41 -12.28 -10.99 -2.07
CA GLU D 41 -13.10 -10.40 -3.14
C GLU D 41 -12.31 -9.27 -3.79
N THR D 42 -11.60 -8.53 -2.95
CA THR D 42 -10.73 -7.41 -3.35
C THR D 42 -9.50 -7.40 -2.44
N GLU D 43 -8.49 -6.60 -2.79
CA GLU D 43 -7.34 -6.32 -1.92
C GLU D 43 -7.33 -4.81 -1.62
N PRO D 44 -6.84 -4.43 -0.43
CA PRO D 44 -6.85 -3.00 -0.06
C PRO D 44 -5.93 -2.21 -0.98
N ASN D 45 -6.31 -0.97 -1.26
CA ASN D 45 -5.43 -0.09 -2.04
C ASN D 45 -4.22 0.36 -1.18
N GLY D 46 -3.39 1.25 -1.69
CA GLY D 46 -2.15 1.59 -1.01
C GLY D 46 -2.42 2.18 0.35
N GLU D 47 -3.23 3.22 0.36
CA GLU D 47 -3.47 3.94 1.62
C GLU D 47 -4.17 3.03 2.66
N ASN D 48 -5.12 2.24 2.19
CA ASN D 48 -5.88 1.35 3.09
C ASN D 48 -5.02 0.18 3.58
N LEU D 49 -4.12 -0.33 2.74
CA LEU D 49 -3.22 -1.39 3.21
C LEU D 49 -2.35 -0.88 4.35
N LEU D 50 -1.82 0.33 4.22
CA LEU D 50 -0.97 0.84 5.30
CA LEU D 50 -0.98 0.91 5.28
C LEU D 50 -1.77 1.11 6.57
N ALA D 51 -2.97 1.66 6.43
CA ALA D 51 -3.85 1.88 7.59
C ALA D 51 -4.27 0.57 8.25
N LEU D 52 -4.60 -0.42 7.42
CA LEU D 52 -4.97 -1.72 7.93
C LEU D 52 -3.83 -2.39 8.71
N SER D 53 -2.61 -2.30 8.18
CA SER D 53 -1.45 -2.89 8.86
CA SER D 53 -1.44 -2.87 8.86
C SER D 53 -1.23 -2.27 10.24
N LYS D 54 -1.42 -0.95 10.36
CA LYS D 54 -1.31 -0.26 11.64
C LYS D 54 -2.39 -0.71 12.62
N ALA D 55 -3.63 -0.82 12.14
CA ALA D 55 -4.76 -1.27 12.98
C ALA D 55 -4.55 -2.70 13.47
N LEU D 56 -3.94 -3.53 12.63
CA LEU D 56 -3.72 -4.95 12.92
C LEU D 56 -2.35 -5.23 13.57
N GLN D 57 -1.57 -4.17 13.77
CA GLN D 57 -0.30 -4.22 14.49
C GLN D 57 0.71 -5.17 13.85
N CYS D 58 0.80 -5.11 12.53
CA CYS D 58 1.74 -5.92 11.77
C CYS D 58 2.24 -5.13 10.57
N SER D 59 3.20 -5.67 9.85
CA SER D 59 3.70 -4.99 8.66
C SER D 59 2.80 -5.23 7.44
N PRO D 60 2.81 -4.28 6.51
CA PRO D 60 2.08 -4.54 5.25
C PRO D 60 2.61 -5.78 4.54
N ASP D 61 3.92 -6.03 4.62
CA ASP D 61 4.47 -7.23 3.98
C ASP D 61 3.92 -8.52 4.59
N TYR D 62 3.74 -8.53 5.91
CA TYR D 62 3.08 -9.68 6.54
C TYR D 62 1.71 -9.95 5.92
N LEU D 63 0.88 -8.91 5.80
CA LEU D 63 -0.46 -9.10 5.25
C LEU D 63 -0.38 -9.57 3.82
N LEU D 64 0.42 -8.89 3.00
CA LEU D 64 0.51 -9.22 1.59
C LEU D 64 1.06 -10.60 1.31
N LYS D 65 2.14 -10.99 2.00
CA LYS D 65 2.79 -12.25 1.63
C LYS D 65 3.07 -13.23 2.76
N GLY D 66 2.69 -12.88 3.98
CA GLY D 66 2.80 -13.84 5.09
C GLY D 66 4.23 -13.85 5.57
N ASP D 67 5.03 -13.13 4.80
CA ASP D 67 6.12 -12.28 5.24
C ASP D 67 7.10 -11.82 4.15
#